data_8J4H
#
_entry.id   8J4H
#
_cell.length_a   90.233
_cell.length_b   90.233
_cell.length_c   149.475
_cell.angle_alpha   90.00
_cell.angle_beta   90.00
_cell.angle_gamma   120.00
#
_symmetry.space_group_name_H-M   'P 63 2 2'
#
loop_
_entity.id
_entity.type
_entity.pdbx_description
1 polymer 'Ferric iron ABC transporter iron-binding protein'
2 non-polymer '(2~{R})-3-[3,4-bis(oxidanyl)phenyl]-2-oxidanyl-propanoic acid'
3 water water
#
_entity_poly.entity_id   1
_entity_poly.type   'polypeptide(L)'
_entity_poly.pdbx_seq_one_letter_code
;QDITLYSGRGETLVKPIIEQFEKQSGIKVNVRYGDTAQLAVLLQEEGARSPADVYWGQDAGAMGALANAGLLATLPEAVY
KQLPEIYTSKTGQWVAASGRSRVIAYSTERASAEDIPASVFDLTSEKYQGRFGLAPTNGGFQSFVTAMRVQHGDEKTLAW
LKAMKANQPKIYRNNTTQIQAIGDGEIDFALVNNYYLPRFVAANASFPAKQTYFAEGDIGNLVNVAGVAVLKSSKKQPQA
IQFIEYMLSPAAQQYFTSVVGEYPVTQGIIPNPVLGELDTLLQAAPSIDLDQLADLQGTLKLLRDAGLL
;
_entity_poly.pdbx_strand_id   A
#
# COMPACT_ATOMS: atom_id res chain seq x y z
N GLN A 1 -0.80 -32.03 -4.25
CA GLN A 1 0.00 -31.08 -3.41
C GLN A 1 -0.90 -29.97 -2.88
N ASP A 2 -0.53 -29.43 -1.72
CA ASP A 2 -1.28 -28.32 -1.15
C ASP A 2 -0.30 -27.43 -0.40
N ILE A 3 -0.66 -26.15 -0.28
CA ILE A 3 0.06 -25.22 0.57
C ILE A 3 -0.95 -24.51 1.47
N THR A 4 -0.42 -23.96 2.56
CA THR A 4 -1.17 -23.10 3.45
C THR A 4 -0.76 -21.65 3.27
N LEU A 5 -1.77 -20.80 3.07
CA LEU A 5 -1.59 -19.36 2.93
C LEU A 5 -2.21 -18.68 4.14
N TYR A 6 -1.45 -17.77 4.78
CA TYR A 6 -2.05 -16.80 5.70
C TYR A 6 -2.28 -15.50 4.93
N SER A 7 -3.54 -15.12 4.74
CA SER A 7 -3.89 -13.97 3.92
C SER A 7 -4.44 -12.82 4.77
N GLY A 8 -3.70 -11.69 4.74
CA GLY A 8 -4.18 -10.39 5.20
C GLY A 8 -5.08 -9.72 4.16
N ARG A 9 -5.15 -10.36 3.01
CA ARG A 9 -6.03 -9.87 1.92
C ARG A 9 -7.40 -10.51 2.04
N GLY A 10 -8.45 -9.75 1.76
CA GLY A 10 -9.82 -10.24 1.86
C GLY A 10 -10.12 -11.36 0.87
N GLU A 11 -10.98 -12.29 1.32
CA GLU A 11 -11.39 -13.43 0.51
C GLU A 11 -12.03 -13.04 -0.82
N THR A 12 -12.77 -11.94 -0.87
CA THR A 12 -13.46 -11.63 -2.12
C THR A 12 -12.45 -11.17 -3.17
N LEU A 13 -11.33 -10.60 -2.70
CA LEU A 13 -10.21 -10.23 -3.57
C LEU A 13 -9.41 -11.46 -4.00
N VAL A 14 -9.01 -12.28 -3.00
CA VAL A 14 -8.07 -13.39 -3.08
C VAL A 14 -8.67 -14.59 -3.79
N LYS A 15 -9.92 -14.90 -3.47
CA LYS A 15 -10.52 -16.19 -3.81
C LYS A 15 -10.40 -16.44 -5.31
N PRO A 16 -10.78 -15.51 -6.19
CA PRO A 16 -10.68 -15.77 -7.62
C PRO A 16 -9.25 -16.05 -8.09
N ILE A 17 -8.29 -15.41 -7.42
CA ILE A 17 -6.88 -15.52 -7.74
C ILE A 17 -6.40 -16.92 -7.36
N ILE A 18 -6.68 -17.35 -6.12
CA ILE A 18 -6.20 -18.66 -5.69
C ILE A 18 -6.92 -19.75 -6.47
N GLU A 19 -8.18 -19.55 -6.87
CA GLU A 19 -8.89 -20.58 -7.60
C GLU A 19 -8.28 -20.79 -8.99
N GLN A 20 -7.92 -19.70 -9.67
CA GLN A 20 -7.29 -19.83 -10.97
C GLN A 20 -5.90 -20.44 -10.81
N PHE A 21 -5.18 -20.07 -9.74
CA PHE A 21 -3.87 -20.68 -9.48
C PHE A 21 -4.02 -22.20 -9.34
N GLU A 22 -5.01 -22.63 -8.52
CA GLU A 22 -5.29 -24.05 -8.32
C GLU A 22 -5.60 -24.76 -9.64
N LYS A 23 -6.44 -24.14 -10.47
CA LYS A 23 -6.83 -24.67 -11.77
C LYS A 23 -5.60 -24.87 -12.66
N GLN A 24 -4.70 -23.89 -12.72
CA GLN A 24 -3.54 -23.96 -13.57
C GLN A 24 -2.46 -24.88 -13.00
N SER A 25 -2.24 -24.88 -11.68
CA SER A 25 -1.06 -25.51 -11.13
C SER A 25 -1.34 -26.92 -10.61
N GLY A 26 -2.62 -27.20 -10.31
CA GLY A 26 -3.01 -28.41 -9.59
C GLY A 26 -2.64 -28.41 -8.11
N ILE A 27 -2.16 -27.27 -7.57
CA ILE A 27 -1.81 -27.15 -6.16
C ILE A 27 -3.00 -26.57 -5.41
N LYS A 28 -3.52 -27.25 -4.39
CA LYS A 28 -4.59 -26.69 -3.57
C LYS A 28 -4.03 -25.67 -2.57
N VAL A 29 -4.73 -24.55 -2.38
CA VAL A 29 -4.34 -23.54 -1.40
C VAL A 29 -5.37 -23.49 -0.27
N ASN A 30 -4.96 -23.90 0.93
CA ASN A 30 -5.72 -23.76 2.16
C ASN A 30 -5.42 -22.41 2.80
N VAL A 31 -6.44 -21.58 2.97
CA VAL A 31 -6.23 -20.20 3.35
C VAL A 31 -6.78 -19.96 4.74
N ARG A 32 -5.96 -19.34 5.58
CA ARG A 32 -6.44 -18.70 6.78
C ARG A 32 -6.49 -17.19 6.55
N TYR A 33 -7.70 -16.64 6.60
CA TYR A 33 -7.94 -15.22 6.44
C TYR A 33 -7.84 -14.51 7.78
N GLY A 34 -7.38 -13.26 7.71
CA GLY A 34 -7.19 -12.51 8.94
C GLY A 34 -6.66 -11.12 8.67
N ASP A 35 -6.42 -10.40 9.75
CA ASP A 35 -5.83 -9.08 9.68
C ASP A 35 -4.34 -9.24 9.42
N THR A 36 -3.81 -8.43 8.48
CA THR A 36 -2.39 -8.40 8.12
C THR A 36 -1.50 -8.40 9.37
N ALA A 37 -1.76 -7.45 10.29
CA ALA A 37 -0.94 -7.26 11.47
C ALA A 37 -1.07 -8.43 12.44
N GLN A 38 -2.30 -8.89 12.63
CA GLN A 38 -2.60 -9.94 13.60
C GLN A 38 -2.07 -11.29 13.12
N LEU A 39 -2.13 -11.53 11.81
CA LEU A 39 -1.48 -12.73 11.29
C LEU A 39 0.04 -12.70 11.48
N ALA A 40 0.70 -11.54 11.35
CA ALA A 40 2.13 -11.43 11.65
C ALA A 40 2.41 -11.73 13.14
N VAL A 41 1.53 -11.31 14.05
CA VAL A 41 1.64 -11.66 15.48
C VAL A 41 1.53 -13.19 15.61
N LEU A 42 0.53 -13.78 14.96
CA LEU A 42 0.33 -15.21 15.06
C LEU A 42 1.57 -15.96 14.60
N LEU A 43 2.12 -15.53 13.46
CA LEU A 43 3.28 -16.21 12.91
C LEU A 43 4.43 -16.10 13.91
N GLN A 44 4.59 -14.96 14.56
CA GLN A 44 5.70 -14.86 15.51
C GLN A 44 5.45 -15.81 16.69
N GLU A 45 4.19 -15.98 17.09
CA GLU A 45 3.86 -16.91 18.18
C GLU A 45 4.10 -18.35 17.76
N GLU A 46 3.77 -18.70 16.51
CA GLU A 46 3.94 -20.06 16.04
C GLU A 46 5.42 -20.37 15.83
N GLY A 47 6.18 -19.38 15.35
CA GLY A 47 7.58 -19.56 15.02
C GLY A 47 7.77 -20.73 14.08
N ALA A 48 8.72 -21.61 14.40
CA ALA A 48 9.08 -22.72 13.52
C ALA A 48 7.95 -23.74 13.41
N ARG A 49 6.95 -23.66 14.30
CA ARG A 49 5.85 -24.62 14.34
C ARG A 49 4.71 -24.17 13.41
N SER A 50 4.81 -22.99 12.77
CA SER A 50 3.70 -22.56 11.93
C SER A 50 3.35 -23.59 10.86
N PRO A 51 2.05 -23.76 10.51
CA PRO A 51 1.68 -24.54 9.33
C PRO A 51 1.74 -23.75 8.02
N ALA A 52 2.06 -22.45 8.10
CA ALA A 52 1.97 -21.55 6.95
C ALA A 52 3.15 -21.73 6.01
N ASP A 53 2.85 -21.73 4.70
CA ASP A 53 3.87 -21.76 3.67
C ASP A 53 4.11 -20.37 3.08
N VAL A 54 3.00 -19.60 2.91
CA VAL A 54 2.99 -18.29 2.30
C VAL A 54 2.27 -17.32 3.22
N TYR A 55 2.79 -16.10 3.31
CA TYR A 55 2.11 -14.98 3.94
C TYR A 55 1.94 -13.89 2.89
N TRP A 56 0.69 -13.38 2.80
CA TRP A 56 0.33 -12.32 1.87
C TRP A 56 -0.42 -11.25 2.65
N GLY A 57 0.22 -10.08 2.79
CA GLY A 57 -0.29 -9.00 3.62
C GLY A 57 -0.57 -7.75 2.79
N GLN A 58 -1.24 -6.77 3.39
CA GLN A 58 -1.43 -5.53 2.65
C GLN A 58 -0.92 -4.34 3.46
N ASP A 59 0.11 -4.57 4.28
CA ASP A 59 0.85 -3.46 4.84
C ASP A 59 2.29 -3.87 5.15
N ALA A 60 3.21 -3.02 4.68
CA ALA A 60 4.63 -3.34 4.73
C ALA A 60 5.16 -3.38 6.17
N GLY A 61 4.49 -2.70 7.10
CA GLY A 61 4.94 -2.71 8.50
C GLY A 61 4.98 -4.11 9.11
N ALA A 62 3.90 -4.86 8.89
CA ALA A 62 3.76 -6.22 9.40
C ALA A 62 4.78 -7.17 8.78
N MET A 63 4.99 -6.99 7.48
CA MET A 63 5.93 -7.82 6.75
C MET A 63 7.33 -7.54 7.33
N GLY A 64 7.59 -6.26 7.61
CA GLY A 64 8.87 -5.85 8.17
C GLY A 64 9.14 -6.49 9.51
N ALA A 65 8.10 -6.58 10.35
CA ALA A 65 8.23 -7.27 11.63
C ALA A 65 8.57 -8.76 11.43
N LEU A 66 7.96 -9.42 10.44
CA LEU A 66 8.32 -10.82 10.16
C LEU A 66 9.78 -10.90 9.67
N ALA A 67 10.18 -10.00 8.77
CA ALA A 67 11.53 -10.02 8.24
C ALA A 67 12.56 -9.86 9.36
N ASN A 68 12.36 -8.87 10.22
CA ASN A 68 13.20 -8.59 11.38
C ASN A 68 13.23 -9.76 12.37
N ALA A 69 12.14 -10.51 12.47
CA ALA A 69 12.07 -11.65 13.37
C ALA A 69 12.79 -12.87 12.80
N GLY A 70 13.21 -12.81 11.53
CA GLY A 70 13.95 -13.92 10.94
C GLY A 70 13.03 -15.04 10.46
N LEU A 71 11.73 -14.75 10.20
CA LEU A 71 10.79 -15.80 9.87
C LEU A 71 10.60 -16.02 8.36
N LEU A 72 11.18 -15.14 7.52
CA LEU A 72 10.96 -15.21 6.08
C LEU A 72 12.13 -15.89 5.36
N ALA A 73 11.82 -16.78 4.42
CA ALA A 73 12.79 -17.40 3.53
C ALA A 73 13.26 -16.39 2.49
N THR A 74 14.55 -16.43 2.16
CA THR A 74 15.08 -15.65 1.05
C THR A 74 14.51 -16.25 -0.23
N LEU A 75 13.92 -15.40 -1.08
CA LEU A 75 13.32 -15.89 -2.31
C LEU A 75 14.41 -16.13 -3.33
N PRO A 76 14.16 -16.97 -4.35
CA PRO A 76 15.08 -17.08 -5.48
C PRO A 76 15.22 -15.72 -6.15
N GLU A 77 16.46 -15.40 -6.53
CA GLU A 77 16.77 -14.24 -7.35
C GLU A 77 15.86 -14.16 -8.56
N ALA A 78 15.53 -15.30 -9.15
CA ALA A 78 14.71 -15.31 -10.35
C ALA A 78 13.33 -14.71 -10.06
N VAL A 79 12.92 -14.69 -8.80
CA VAL A 79 11.63 -14.11 -8.45
C VAL A 79 11.75 -12.59 -8.31
N TYR A 80 12.78 -12.10 -7.63
CA TYR A 80 12.78 -10.72 -7.15
C TYR A 80 13.75 -9.78 -7.88
N LYS A 81 14.82 -10.30 -8.50
CA LYS A 81 15.90 -9.41 -8.96
C LYS A 81 15.50 -8.49 -10.11
N GLN A 82 14.51 -8.89 -10.90
CA GLN A 82 14.08 -8.08 -12.01
C GLN A 82 13.05 -7.02 -11.60
N LEU A 83 12.54 -7.07 -10.38
CA LEU A 83 11.51 -6.11 -9.97
C LEU A 83 12.14 -4.76 -9.59
N PRO A 84 11.34 -3.67 -9.73
CA PRO A 84 11.76 -2.36 -9.27
C PRO A 84 12.13 -2.42 -7.78
N GLU A 85 13.11 -1.64 -7.36
CA GLU A 85 13.49 -1.67 -5.95
C GLU A 85 12.38 -1.20 -5.01
N ILE A 86 11.40 -0.41 -5.47
CA ILE A 86 10.31 -0.01 -4.59
C ILE A 86 9.39 -1.20 -4.28
N TYR A 87 9.56 -2.34 -4.98
CA TYR A 87 8.64 -3.47 -4.92
C TYR A 87 9.29 -4.74 -4.36
N THR A 88 10.46 -4.60 -3.76
CA THR A 88 11.14 -5.80 -3.31
C THR A 88 11.92 -5.51 -2.04
N SER A 89 12.04 -6.53 -1.18
CA SER A 89 13.05 -6.57 -0.14
C SER A 89 14.43 -6.54 -0.83
N LYS A 90 15.35 -5.68 -0.41
CA LYS A 90 16.70 -5.68 -0.99
C LYS A 90 17.32 -7.08 -0.89
N THR A 91 17.14 -7.71 0.28
CA THR A 91 17.69 -9.03 0.54
C THR A 91 16.74 -10.17 0.18
N GLY A 92 15.68 -9.85 -0.57
CA GLY A 92 14.94 -10.92 -1.23
C GLY A 92 14.02 -11.68 -0.28
N GLN A 93 13.64 -11.10 0.87
CA GLN A 93 12.78 -11.80 1.83
C GLN A 93 11.28 -11.72 1.55
N TRP A 94 10.87 -10.84 0.62
CA TRP A 94 9.50 -10.63 0.18
C TRP A 94 9.51 -9.85 -1.12
N VAL A 95 8.39 -9.93 -1.85
CA VAL A 95 8.17 -9.10 -3.02
C VAL A 95 6.76 -8.55 -2.96
N ALA A 96 6.58 -7.37 -3.57
CA ALA A 96 5.25 -6.82 -3.78
C ALA A 96 4.54 -7.64 -4.87
N ALA A 97 3.28 -8.02 -4.62
CA ALA A 97 2.40 -8.51 -5.69
C ALA A 97 1.67 -7.34 -6.35
N SER A 98 1.48 -6.25 -5.60
CA SER A 98 0.83 -5.06 -6.12
C SER A 98 1.22 -3.84 -5.28
N GLY A 99 1.05 -2.67 -5.89
CA GLY A 99 1.42 -1.39 -5.30
C GLY A 99 0.21 -0.63 -4.75
N ARG A 100 0.33 -0.18 -3.51
CA ARG A 100 -0.70 0.50 -2.74
C ARG A 100 -0.10 1.81 -2.26
N SER A 101 -0.17 2.82 -3.12
CA SER A 101 0.59 4.04 -2.95
C SER A 101 -0.26 5.18 -2.39
N ARG A 102 0.48 6.14 -1.84
CA ARG A 102 -0.07 7.42 -1.41
C ARG A 102 -0.06 8.39 -2.59
N VAL A 103 -1.20 9.05 -2.81
CA VAL A 103 -1.32 10.06 -3.84
C VAL A 103 -2.09 11.24 -3.26
N ILE A 104 -2.25 12.29 -4.07
CA ILE A 104 -3.14 13.39 -3.71
C ILE A 104 -4.25 13.48 -4.75
N ALA A 105 -5.48 13.33 -4.24
CA ALA A 105 -6.70 13.48 -5.03
C ALA A 105 -7.13 14.94 -4.98
N TYR A 106 -7.74 15.43 -6.07
CA TYR A 106 -8.13 16.83 -6.15
C TYR A 106 -9.43 16.99 -6.95
N SER A 107 -10.17 18.04 -6.62
CA SER A 107 -11.39 18.43 -7.34
C SER A 107 -11.03 18.87 -8.74
N THR A 108 -11.69 18.27 -9.74
CA THR A 108 -11.54 18.73 -11.10
C THR A 108 -12.44 19.96 -11.33
N GLU A 109 -13.49 20.14 -10.53
CA GLU A 109 -14.35 21.31 -10.63
C GLU A 109 -13.65 22.53 -10.00
N ARG A 110 -13.01 22.36 -8.83
CA ARG A 110 -12.54 23.49 -8.07
C ARG A 110 -11.01 23.56 -7.99
N ALA A 111 -10.29 22.62 -8.64
CA ALA A 111 -8.85 22.66 -8.55
C ALA A 111 -8.27 22.11 -9.83
N SER A 112 -6.95 22.05 -9.90
CA SER A 112 -6.26 21.44 -11.03
C SER A 112 -4.92 20.91 -10.55
N ALA A 113 -4.23 20.20 -11.46
CA ALA A 113 -2.94 19.63 -11.17
C ALA A 113 -1.98 20.76 -10.82
N GLU A 114 -2.24 21.99 -11.32
CA GLU A 114 -1.35 23.12 -11.09
C GLU A 114 -1.36 23.54 -9.63
N ASP A 115 -2.44 23.20 -8.92
CA ASP A 115 -2.60 23.49 -7.50
C ASP A 115 -1.80 22.54 -6.60
N ILE A 116 -1.26 21.45 -7.17
CA ILE A 116 -0.56 20.46 -6.37
C ILE A 116 0.88 20.94 -6.14
N PRO A 117 1.36 21.04 -4.88
CA PRO A 117 2.67 21.60 -4.63
C PRO A 117 3.72 20.53 -4.83
N ALA A 118 4.99 20.94 -4.71
CA ALA A 118 6.13 20.05 -4.93
C ALA A 118 6.21 18.98 -3.85
N SER A 119 5.81 19.31 -2.62
CA SER A 119 5.96 18.39 -1.49
C SER A 119 4.65 18.33 -0.71
N VAL A 120 4.42 17.18 -0.08
CA VAL A 120 3.34 17.01 0.88
C VAL A 120 3.53 17.98 2.06
N PHE A 121 4.79 18.39 2.32
CA PHE A 121 5.08 19.35 3.39
C PHE A 121 4.44 20.71 3.10
N ASP A 122 4.18 21.01 1.82
CA ASP A 122 3.73 22.33 1.42
C ASP A 122 2.23 22.53 1.69
N LEU A 123 1.50 21.48 2.12
CA LEU A 123 0.07 21.54 2.31
C LEU A 123 -0.31 22.30 3.59
N THR A 124 0.69 22.66 4.41
CA THR A 124 0.45 23.46 5.61
C THR A 124 0.22 24.93 5.24
N SER A 125 0.52 25.33 4.00
CA SER A 125 0.34 26.69 3.55
C SER A 125 -1.13 27.12 3.57
N GLU A 126 -1.33 28.44 3.61
CA GLU A 126 -2.64 29.07 3.75
C GLU A 126 -3.49 28.83 2.51
N LYS A 127 -2.83 28.69 1.37
CA LYS A 127 -3.50 28.32 0.13
C LYS A 127 -4.45 27.12 0.32
N TYR A 128 -4.16 26.24 1.29
CA TYR A 128 -4.87 24.96 1.42
C TYR A 128 -5.81 24.99 2.61
N GLN A 129 -5.78 26.08 3.39
CA GLN A 129 -6.52 26.15 4.64
C GLN A 129 -7.98 25.78 4.41
N GLY A 130 -8.51 24.88 5.23
CA GLY A 130 -9.89 24.45 5.11
C GLY A 130 -10.23 23.70 3.82
N ARG A 131 -9.27 23.34 2.95
CA ARG A 131 -9.62 22.77 1.66
C ARG A 131 -9.23 21.27 1.54
N PHE A 132 -8.67 20.67 2.60
CA PHE A 132 -8.24 19.28 2.52
C PHE A 132 -8.98 18.42 3.55
N GLY A 133 -9.06 17.11 3.25
CA GLY A 133 -9.59 16.14 4.17
C GLY A 133 -8.53 15.10 4.56
N LEU A 134 -8.47 14.76 5.86
CA LEU A 134 -7.56 13.75 6.42
C LEU A 134 -8.37 12.60 7.03
N ALA A 135 -7.84 11.37 6.96
CA ALA A 135 -8.39 10.23 7.70
C ALA A 135 -7.31 9.65 8.62
N PRO A 136 -7.04 10.28 9.79
CA PRO A 136 -5.94 9.84 10.63
C PRO A 136 -6.05 8.42 11.21
N THR A 137 -7.24 7.79 11.10
CA THR A 137 -7.43 6.44 11.59
C THR A 137 -7.14 5.42 10.52
N ASN A 138 -6.92 5.85 9.27
CA ASN A 138 -6.65 4.96 8.15
C ASN A 138 -5.24 4.40 8.28
N GLY A 139 -5.12 3.10 8.01
CA GLY A 139 -3.86 2.38 8.11
C GLY A 139 -2.85 2.89 7.10
N GLY A 140 -3.34 3.21 5.89
CA GLY A 140 -2.50 3.79 4.85
C GLY A 140 -1.92 5.15 5.30
N PHE A 141 -2.76 6.02 5.88
CA PHE A 141 -2.28 7.31 6.36
C PHE A 141 -1.22 7.08 7.43
N GLN A 142 -1.49 6.15 8.33
CA GLN A 142 -0.62 5.90 9.46
C GLN A 142 0.74 5.39 9.00
N SER A 143 0.77 4.45 8.05
CA SER A 143 2.03 3.92 7.58
C SER A 143 2.80 5.00 6.82
N PHE A 144 2.06 5.87 6.11
CA PHE A 144 2.64 7.06 5.48
C PHE A 144 3.32 7.97 6.51
N VAL A 145 2.65 8.21 7.64
CA VAL A 145 3.29 9.00 8.69
C VAL A 145 4.54 8.29 9.23
N THR A 146 4.50 6.94 9.41
CA THR A 146 5.69 6.20 9.80
C THR A 146 6.81 6.42 8.78
N ALA A 147 6.47 6.41 7.50
CA ALA A 147 7.49 6.62 6.47
C ALA A 147 8.10 8.02 6.58
N MET A 148 7.25 9.00 6.88
CA MET A 148 7.70 10.39 7.05
C MET A 148 8.67 10.48 8.24
N ARG A 149 8.40 9.71 9.27
CA ARG A 149 9.26 9.69 10.45
C ARG A 149 10.61 9.08 10.11
N VAL A 150 10.58 7.97 9.35
CA VAL A 150 11.78 7.27 8.95
C VAL A 150 12.63 8.18 8.08
N GLN A 151 11.99 8.91 7.16
CA GLN A 151 12.71 9.74 6.23
C GLN A 151 13.18 11.04 6.88
N HIS A 152 12.36 11.67 7.73
CA HIS A 152 12.62 13.04 8.14
C HIS A 152 12.81 13.20 9.65
N GLY A 153 12.52 12.14 10.44
CA GLY A 153 12.57 12.25 11.88
C GLY A 153 11.27 12.82 12.49
N ASP A 154 11.12 12.63 13.79
CA ASP A 154 9.92 12.98 14.56
C ASP A 154 9.65 14.47 14.62
N GLU A 155 10.69 15.30 14.73
CA GLU A 155 10.43 16.72 14.95
C GLU A 155 9.80 17.35 13.71
N LYS A 156 10.38 17.11 12.53
CA LYS A 156 9.81 17.59 11.28
C LYS A 156 8.40 17.03 11.09
N THR A 157 8.26 15.74 11.39
CA THR A 157 7.00 15.07 11.18
C THR A 157 5.91 15.63 12.10
N LEU A 158 6.21 15.78 13.40
CA LEU A 158 5.24 16.35 14.34
C LEU A 158 4.88 17.80 14.00
N ALA A 159 5.88 18.60 13.62
CA ALA A 159 5.62 19.95 13.17
C ALA A 159 4.64 19.97 11.97
N TRP A 160 4.85 19.06 11.01
CA TRP A 160 3.97 18.96 9.86
C TRP A 160 2.55 18.62 10.32
N LEU A 161 2.42 17.63 11.22
CA LEU A 161 1.12 17.14 11.67
C LEU A 161 0.35 18.27 12.35
N LYS A 162 1.04 19.00 13.23
CA LYS A 162 0.46 20.13 13.93
C LYS A 162 0.08 21.25 12.98
N ALA A 163 0.98 21.58 12.04
CA ALA A 163 0.70 22.60 11.05
C ALA A 163 -0.48 22.18 10.18
N MET A 164 -0.63 20.88 9.91
CA MET A 164 -1.75 20.39 9.10
C MET A 164 -3.04 20.51 9.91
N LYS A 165 -2.94 20.21 11.21
CA LYS A 165 -4.08 20.34 12.11
C LYS A 165 -4.49 21.81 12.32
N ALA A 166 -3.50 22.70 12.38
CA ALA A 166 -3.72 24.13 12.54
C ALA A 166 -4.24 24.73 11.24
N ASN A 167 -4.15 24.00 10.13
CA ASN A 167 -4.64 24.48 8.79
C ASN A 167 -6.11 24.10 8.54
N GLN A 168 -6.88 23.78 9.57
CA GLN A 168 -8.34 23.50 9.45
C GLN A 168 -8.68 22.36 8.49
N PRO A 169 -8.26 21.11 8.76
CA PRO A 169 -8.63 19.96 7.96
C PRO A 169 -10.05 19.56 8.28
N LYS A 170 -10.75 18.96 7.33
CA LYS A 170 -11.93 18.18 7.66
C LYS A 170 -11.50 16.72 7.84
N ILE A 171 -12.07 16.07 8.85
CA ILE A 171 -11.64 14.76 9.30
C ILE A 171 -12.68 13.76 8.81
N TYR A 172 -12.23 12.70 8.12
CA TYR A 172 -13.09 11.70 7.53
C TYR A 172 -12.70 10.33 8.04
N ARG A 173 -13.63 9.37 7.86
CA ARG A 173 -13.46 8.03 8.37
C ARG A 173 -12.45 7.23 7.51
N ASN A 174 -12.50 7.43 6.19
CA ASN A 174 -11.75 6.62 5.25
C ASN A 174 -11.55 7.36 3.94
N ASN A 175 -10.88 6.68 2.99
CA ASN A 175 -10.62 7.28 1.71
C ASN A 175 -11.88 7.46 0.87
N THR A 176 -12.81 6.50 0.94
CA THR A 176 -14.03 6.57 0.14
C THR A 176 -14.83 7.83 0.50
N THR A 177 -14.96 8.15 1.79
CA THR A 177 -15.71 9.30 2.25
C THR A 177 -14.97 10.59 1.89
N GLN A 178 -13.63 10.56 1.86
CA GLN A 178 -12.82 11.71 1.48
C GLN A 178 -13.06 12.04 0.02
N ILE A 179 -13.09 11.01 -0.83
CA ILE A 179 -13.27 11.18 -2.26
C ILE A 179 -14.70 11.65 -2.57
N GLN A 180 -15.67 11.07 -1.85
CA GLN A 180 -17.06 11.47 -1.99
C GLN A 180 -17.16 12.96 -1.63
N ALA A 181 -16.38 13.39 -0.62
CA ALA A 181 -16.44 14.73 -0.10
C ALA A 181 -15.86 15.70 -1.12
N ILE A 182 -14.91 15.24 -1.93
CA ILE A 182 -14.44 16.04 -3.05
C ILE A 182 -15.58 16.25 -4.05
N GLY A 183 -16.22 15.14 -4.45
CA GLY A 183 -17.35 15.17 -5.37
C GLY A 183 -18.41 16.15 -4.87
N ASP A 184 -18.67 16.09 -3.56
CA ASP A 184 -19.73 16.81 -2.87
C ASP A 184 -19.40 18.27 -2.58
N GLY A 185 -18.15 18.69 -2.78
CA GLY A 185 -17.76 20.07 -2.62
C GLY A 185 -17.28 20.43 -1.21
N GLU A 186 -17.23 19.48 -0.26
CA GLU A 186 -16.74 19.78 1.09
C GLU A 186 -15.23 20.06 1.14
N ILE A 187 -14.44 19.42 0.26
CA ILE A 187 -12.98 19.56 0.29
C ILE A 187 -12.49 19.56 -1.16
N ASP A 188 -11.33 20.14 -1.40
CA ASP A 188 -10.78 20.15 -2.74
C ASP A 188 -9.59 19.19 -2.87
N PHE A 189 -8.99 18.77 -1.74
CA PHE A 189 -7.81 17.93 -1.74
C PHE A 189 -7.98 16.85 -0.66
N ALA A 190 -7.44 15.65 -0.94
CA ALA A 190 -7.37 14.57 0.02
C ALA A 190 -6.10 13.75 -0.23
N LEU A 191 -5.48 13.33 0.88
CA LEU A 191 -4.36 12.41 0.90
C LEU A 191 -4.95 11.01 1.04
N VAL A 192 -4.77 10.18 0.00
CA VAL A 192 -5.46 8.90 -0.07
C VAL A 192 -4.51 7.83 -0.62
N ASN A 193 -4.91 6.59 -0.40
CA ASN A 193 -4.37 5.43 -1.09
C ASN A 193 -4.92 5.42 -2.51
N ASN A 194 -4.10 4.92 -3.44
CA ASN A 194 -4.31 5.10 -4.87
C ASN A 194 -5.52 4.32 -5.39
N TYR A 195 -6.00 3.32 -4.67
CA TYR A 195 -6.90 2.34 -5.30
C TYR A 195 -8.39 2.63 -5.02
N TYR A 196 -8.74 3.75 -4.37
CA TYR A 196 -10.15 4.09 -4.16
C TYR A 196 -10.73 4.82 -5.38
N LEU A 197 -10.06 5.87 -5.86
CA LEU A 197 -10.60 6.67 -6.95
C LEU A 197 -10.90 5.81 -8.19
N PRO A 198 -10.08 4.78 -8.57
CA PRO A 198 -10.43 3.88 -9.68
C PRO A 198 -11.84 3.31 -9.56
N ARG A 199 -12.24 2.98 -8.33
CA ARG A 199 -13.55 2.40 -8.08
C ARG A 199 -14.65 3.42 -8.41
N PHE A 200 -14.45 4.69 -8.05
CA PHE A 200 -15.41 5.74 -8.37
C PHE A 200 -15.48 5.94 -9.88
N VAL A 201 -14.32 5.98 -10.55
CA VAL A 201 -14.30 6.29 -11.98
C VAL A 201 -14.89 5.13 -12.79
N ALA A 202 -14.81 3.90 -12.25
CA ALA A 202 -15.43 2.75 -12.91
C ALA A 202 -16.96 2.81 -12.79
N ALA A 203 -17.50 3.21 -11.63
CA ALA A 203 -18.94 3.35 -11.48
C ALA A 203 -19.45 4.61 -12.19
N ASN A 204 -18.59 5.62 -12.38
CA ASN A 204 -18.97 6.88 -13.00
C ASN A 204 -17.76 7.53 -13.64
N ALA A 205 -17.61 7.32 -14.95
CA ALA A 205 -16.41 7.72 -15.67
C ALA A 205 -16.11 9.21 -15.48
N SER A 206 -17.12 10.03 -15.16
CA SER A 206 -16.90 11.48 -15.09
C SER A 206 -16.96 12.01 -13.64
N PHE A 207 -16.81 11.11 -12.65
CA PHE A 207 -16.62 11.54 -11.26
C PHE A 207 -15.60 12.69 -11.23
N PRO A 208 -15.93 13.85 -10.62
CA PRO A 208 -15.08 15.04 -10.73
C PRO A 208 -13.91 15.06 -9.72
N ALA A 209 -13.05 14.05 -9.84
CA ALA A 209 -11.78 14.00 -9.12
C ALA A 209 -10.74 13.27 -9.98
N LYS A 210 -9.51 13.78 -9.95
CA LYS A 210 -8.34 13.04 -10.39
C LYS A 210 -7.39 12.91 -9.21
N GLN A 211 -6.30 12.14 -9.41
CA GLN A 211 -5.25 12.04 -8.40
C GLN A 211 -3.90 12.04 -9.11
N THR A 212 -2.90 12.51 -8.36
CA THR A 212 -1.58 12.69 -8.94
C THR A 212 -0.53 12.66 -7.82
N TYR A 213 0.70 12.95 -8.24
CA TYR A 213 1.88 12.80 -7.43
C TYR A 213 2.37 14.19 -7.04
N PHE A 214 3.10 14.27 -5.92
CA PHE A 214 3.99 15.37 -5.63
C PHE A 214 5.24 15.23 -6.48
N ALA A 215 6.20 16.12 -6.29
CA ALA A 215 7.44 16.07 -7.07
C ALA A 215 8.15 14.73 -6.82
N GLU A 216 9.06 14.41 -7.73
CA GLU A 216 9.80 13.17 -7.74
C GLU A 216 10.48 12.94 -6.41
N GLY A 217 10.29 11.75 -5.85
CA GLY A 217 10.99 11.38 -4.62
C GLY A 217 10.31 11.85 -3.34
N ASP A 218 9.19 12.58 -3.44
CA ASP A 218 8.58 13.14 -2.24
C ASP A 218 7.94 12.03 -1.42
N ILE A 219 7.94 12.18 -0.09
CA ILE A 219 7.42 11.16 0.82
C ILE A 219 5.90 11.03 0.66
N GLY A 220 5.21 12.07 0.13
CA GLY A 220 3.78 11.97 -0.18
C GLY A 220 3.42 11.00 -1.30
N ASN A 221 4.41 10.44 -2.02
CA ASN A 221 4.19 9.49 -3.11
C ASN A 221 4.56 8.06 -2.67
N LEU A 222 4.75 7.86 -1.36
CA LEU A 222 5.11 6.56 -0.79
C LEU A 222 4.36 5.42 -1.46
N VAL A 223 5.10 4.39 -1.85
CA VAL A 223 4.47 3.19 -2.38
C VAL A 223 4.54 2.13 -1.31
N ASN A 224 3.41 1.92 -0.63
CA ASN A 224 3.23 0.74 0.18
C ASN A 224 2.88 -0.41 -0.76
N VAL A 225 2.82 -1.63 -0.22
CA VAL A 225 2.73 -2.79 -1.09
C VAL A 225 1.92 -3.86 -0.42
N ALA A 226 1.27 -4.68 -1.25
CA ALA A 226 0.71 -5.94 -0.80
C ALA A 226 1.79 -7.01 -0.99
N GLY A 227 2.55 -7.27 0.07
CA GLY A 227 3.75 -8.08 0.00
C GLY A 227 3.43 -9.54 0.22
N VAL A 228 4.21 -10.41 -0.44
CA VAL A 228 4.08 -11.85 -0.27
C VAL A 228 5.47 -12.42 0.03
N ALA A 229 5.46 -13.45 0.86
CA ALA A 229 6.66 -14.07 1.39
C ALA A 229 6.42 -15.54 1.64
N VAL A 230 7.52 -16.30 1.60
CA VAL A 230 7.57 -17.70 1.98
C VAL A 230 8.12 -17.80 3.41
N LEU A 231 7.46 -18.59 4.27
CA LEU A 231 7.96 -18.83 5.62
C LEU A 231 9.18 -19.75 5.57
N LYS A 232 10.19 -19.35 6.32
CA LYS A 232 11.37 -20.19 6.51
C LYS A 232 10.97 -21.59 6.94
N SER A 233 9.92 -21.72 7.77
CA SER A 233 9.54 -23.04 8.28
C SER A 233 8.89 -23.92 7.21
N SER A 234 8.52 -23.36 6.06
CA SER A 234 7.87 -24.13 5.02
C SER A 234 8.77 -25.27 4.52
N LYS A 235 8.18 -26.45 4.33
CA LYS A 235 8.79 -27.58 3.66
C LYS A 235 8.27 -27.73 2.23
N LYS A 236 7.48 -26.73 1.77
CA LYS A 236 6.97 -26.76 0.41
C LYS A 236 7.34 -25.47 -0.34
N GLN A 237 8.63 -25.10 -0.28
CA GLN A 237 9.02 -23.81 -0.82
C GLN A 237 8.84 -23.77 -2.34
N PRO A 238 9.15 -24.82 -3.13
CA PRO A 238 8.92 -24.76 -4.57
C PRO A 238 7.48 -24.45 -4.95
N GLN A 239 6.51 -25.05 -4.24
CA GLN A 239 5.09 -24.78 -4.46
C GLN A 239 4.72 -23.35 -4.04
N ALA A 240 5.25 -22.90 -2.90
CA ALA A 240 5.04 -21.53 -2.44
C ALA A 240 5.58 -20.52 -3.45
N ILE A 241 6.75 -20.81 -4.00
CA ILE A 241 7.34 -19.94 -5.00
C ILE A 241 6.49 -19.94 -6.27
N GLN A 242 5.95 -21.07 -6.67
CA GLN A 242 5.09 -21.12 -7.83
C GLN A 242 3.85 -20.22 -7.63
N PHE A 243 3.34 -20.19 -6.41
CA PHE A 243 2.22 -19.31 -6.08
C PHE A 243 2.60 -17.84 -6.30
N ILE A 244 3.76 -17.44 -5.75
CA ILE A 244 4.26 -16.09 -5.92
C ILE A 244 4.45 -15.75 -7.38
N GLU A 245 5.08 -16.64 -8.16
CA GLU A 245 5.29 -16.41 -9.58
C GLU A 245 3.96 -16.27 -10.32
N TYR A 246 2.96 -17.08 -9.94
CA TYR A 246 1.62 -16.90 -10.49
C TYR A 246 1.11 -15.47 -10.29
N MET A 247 1.29 -14.92 -9.09
CA MET A 247 0.75 -13.60 -8.78
C MET A 247 1.48 -12.51 -9.55
N LEU A 248 2.74 -12.79 -9.94
CA LEU A 248 3.51 -11.87 -10.76
C LEU A 248 3.27 -12.12 -12.25
N SER A 249 2.42 -13.08 -12.61
CA SER A 249 2.18 -13.37 -14.02
C SER A 249 1.27 -12.29 -14.63
N PRO A 250 1.31 -12.09 -15.97
CA PRO A 250 0.56 -10.99 -16.60
C PRO A 250 -0.95 -11.00 -16.34
N ALA A 251 -1.59 -12.16 -16.34
CA ALA A 251 -3.03 -12.20 -16.08
C ALA A 251 -3.34 -11.72 -14.66
N ALA A 252 -2.55 -12.14 -13.66
CA ALA A 252 -2.80 -11.75 -12.30
C ALA A 252 -2.51 -10.26 -12.12
N GLN A 253 -1.44 -9.76 -12.72
CA GLN A 253 -1.05 -8.36 -12.64
C GLN A 253 -2.10 -7.45 -13.28
N GLN A 254 -2.65 -7.88 -14.43
CA GLN A 254 -3.70 -7.16 -15.13
C GLN A 254 -4.96 -7.12 -14.28
N TYR A 255 -5.27 -8.22 -13.60
CA TYR A 255 -6.37 -8.27 -12.68
C TYR A 255 -6.17 -7.29 -11.51
N PHE A 256 -4.99 -7.32 -10.90
CA PHE A 256 -4.74 -6.41 -9.79
C PHE A 256 -4.98 -4.96 -10.20
N THR A 257 -4.53 -4.57 -11.39
CA THR A 257 -4.66 -3.17 -11.75
C THR A 257 -6.06 -2.82 -12.29
N SER A 258 -6.68 -3.71 -13.08
CA SER A 258 -7.96 -3.38 -13.72
C SER A 258 -9.11 -3.59 -12.74
N VAL A 259 -9.03 -4.65 -11.94
CA VAL A 259 -10.12 -4.98 -11.06
C VAL A 259 -9.90 -4.37 -9.67
N VAL A 260 -8.73 -4.58 -9.07
CA VAL A 260 -8.51 -4.16 -7.68
C VAL A 260 -8.14 -2.68 -7.63
N GLY A 261 -7.61 -2.12 -8.72
CA GLY A 261 -7.22 -0.72 -8.79
C GLY A 261 -5.89 -0.40 -8.11
N GLU A 262 -5.09 -1.43 -7.85
CA GLU A 262 -3.73 -1.28 -7.35
C GLU A 262 -2.73 -1.26 -8.52
N TYR A 263 -1.54 -0.73 -8.28
CA TYR A 263 -0.54 -0.67 -9.32
C TYR A 263 0.06 -2.05 -9.52
N PRO A 264 0.38 -2.41 -10.79
CA PRO A 264 1.12 -3.65 -11.08
C PRO A 264 2.58 -3.43 -10.67
N VAL A 265 3.32 -4.55 -10.53
CA VAL A 265 4.74 -4.51 -10.22
C VAL A 265 5.62 -4.84 -11.42
N THR A 266 5.02 -5.30 -12.50
CA THR A 266 5.73 -5.69 -13.70
C THR A 266 5.36 -4.76 -14.85
N GLN A 267 6.19 -4.79 -15.88
CA GLN A 267 5.87 -4.14 -17.14
C GLN A 267 4.87 -5.00 -17.91
N GLY A 268 4.38 -4.44 -19.03
CA GLY A 268 3.53 -5.13 -19.98
C GLY A 268 2.05 -5.23 -19.57
N ILE A 269 1.63 -4.39 -18.62
CA ILE A 269 0.26 -4.35 -18.13
C ILE A 269 -0.44 -3.12 -18.71
N ILE A 270 -1.65 -3.33 -19.22
CA ILE A 270 -2.46 -2.23 -19.69
C ILE A 270 -2.82 -1.36 -18.49
N PRO A 271 -2.40 -0.08 -18.45
CA PRO A 271 -2.63 0.74 -17.25
C PRO A 271 -4.10 1.03 -16.96
N ASN A 272 -4.38 1.15 -15.67
CA ASN A 272 -5.64 1.71 -15.18
C ASN A 272 -5.54 3.21 -15.47
N PRO A 273 -6.47 3.81 -16.24
CA PRO A 273 -6.28 5.21 -16.67
C PRO A 273 -6.23 6.22 -15.51
N VAL A 274 -6.86 5.88 -14.38
CA VAL A 274 -6.85 6.71 -13.18
C VAL A 274 -5.45 6.74 -12.57
N LEU A 275 -4.69 5.62 -12.70
CA LEU A 275 -3.37 5.49 -12.13
C LEU A 275 -2.27 5.97 -13.09
N GLY A 276 -2.49 5.68 -14.39
CA GLY A 276 -1.48 6.02 -15.39
C GLY A 276 -0.32 5.02 -15.40
N GLU A 277 0.81 5.45 -15.96
CA GLU A 277 1.91 4.56 -16.29
C GLU A 277 2.72 4.18 -15.06
N LEU A 278 3.14 2.92 -15.03
CA LEU A 278 4.02 2.47 -13.95
C LEU A 278 5.31 3.28 -13.97
N ASP A 279 5.85 3.65 -15.14
CA ASP A 279 7.09 4.42 -15.20
C ASP A 279 6.98 5.73 -14.38
N THR A 280 5.82 6.37 -14.41
CA THR A 280 5.60 7.62 -13.68
C THR A 280 5.64 7.39 -12.17
N LEU A 281 5.00 6.31 -11.70
CA LEU A 281 5.07 5.94 -10.30
C LEU A 281 6.53 5.70 -9.89
N LEU A 282 7.31 5.01 -10.74
CA LEU A 282 8.69 4.70 -10.37
C LEU A 282 9.50 6.00 -10.22
N GLN A 283 9.21 7.00 -11.06
CA GLN A 283 9.86 8.29 -10.96
C GLN A 283 9.38 9.04 -9.71
N ALA A 284 8.08 8.95 -9.39
CA ALA A 284 7.46 9.67 -8.28
C ALA A 284 7.92 9.17 -6.91
N ALA A 285 8.11 7.85 -6.79
CA ALA A 285 8.16 7.17 -5.51
C ALA A 285 9.36 7.58 -4.68
N PRO A 286 9.23 7.74 -3.34
CA PRO A 286 10.40 7.90 -2.48
C PRO A 286 11.15 6.60 -2.28
N SER A 287 12.47 6.70 -2.00
CA SER A 287 13.31 5.57 -1.65
C SER A 287 13.25 5.34 -0.13
N ILE A 288 12.55 4.26 0.27
CA ILE A 288 12.22 4.01 1.67
C ILE A 288 12.35 2.52 1.86
N ASP A 289 13.05 2.13 2.92
CA ASP A 289 13.04 0.76 3.37
C ASP A 289 11.69 0.49 4.03
N LEU A 290 10.82 -0.26 3.32
CA LEU A 290 9.47 -0.54 3.78
C LEU A 290 9.49 -1.38 5.06
N ASP A 291 10.58 -2.11 5.33
CA ASP A 291 10.59 -2.88 6.57
C ASP A 291 10.59 -1.97 7.80
N GLN A 292 11.00 -0.70 7.61
CA GLN A 292 11.03 0.32 8.66
C GLN A 292 9.64 0.86 9.01
N LEU A 293 8.59 0.45 8.28
CA LEU A 293 7.23 0.85 8.61
C LEU A 293 6.70 0.00 9.79
N ALA A 294 7.51 -0.90 10.36
CA ALA A 294 7.06 -1.74 11.47
C ALA A 294 6.70 -0.93 12.73
N ASP A 295 7.24 0.29 12.88
CA ASP A 295 7.06 1.08 14.11
C ASP A 295 5.72 1.85 14.13
N LEU A 296 4.58 1.15 14.11
CA LEU A 296 3.29 1.81 14.19
C LEU A 296 3.09 2.54 15.53
N GLN A 297 3.56 1.94 16.63
CA GLN A 297 3.26 2.46 17.96
C GLN A 297 3.87 3.86 18.10
N GLY A 298 5.04 4.09 17.51
CA GLY A 298 5.69 5.39 17.58
C GLY A 298 4.92 6.45 16.78
N THR A 299 4.32 5.99 15.70
CA THR A 299 3.50 6.84 14.86
C THR A 299 2.21 7.23 15.59
N LEU A 300 1.54 6.26 16.22
CA LEU A 300 0.31 6.55 16.94
C LEU A 300 0.60 7.54 18.08
N LYS A 301 1.79 7.41 18.71
CA LYS A 301 2.24 8.35 19.73
C LYS A 301 2.30 9.76 19.16
N LEU A 302 2.89 9.94 17.98
CA LEU A 302 3.04 11.27 17.41
C LEU A 302 1.68 11.83 17.03
N LEU A 303 0.82 10.96 16.49
CA LEU A 303 -0.51 11.40 16.12
C LEU A 303 -1.30 11.80 17.37
N ARG A 304 -1.12 11.08 18.49
CA ARG A 304 -1.75 11.47 19.76
C ARG A 304 -1.19 12.83 20.18
N ASP A 305 0.13 13.00 20.12
CA ASP A 305 0.80 14.25 20.45
C ASP A 305 0.35 15.39 19.55
N ALA A 306 0.05 15.13 18.28
CA ALA A 306 -0.38 16.19 17.37
C ALA A 306 -1.85 16.51 17.60
N GLY A 307 -2.54 15.65 18.36
CA GLY A 307 -3.96 15.78 18.59
C GLY A 307 -4.82 15.28 17.42
N LEU A 308 -4.26 14.46 16.53
CA LEU A 308 -5.02 13.91 15.42
C LEU A 308 -5.66 12.57 15.79
N LEU A 309 -5.19 11.93 16.85
CA LEU A 309 -5.83 10.74 17.42
C LEU A 309 -6.00 10.93 18.95
#